data_3U6I
#
_entry.id   3U6I
#
_cell.length_a   72.113
_cell.length_b   82.000
_cell.length_c   127.008
_cell.angle_alpha   90.000
_cell.angle_beta   90.000
_cell.angle_gamma   90.000
#
_symmetry.space_group_name_H-M   'C 2 2 21'
#
loop_
_entity.id
_entity.type
_entity.pdbx_description
1 polymer 'Hepatocyte growth factor receptor'
2 non-polymer N-{3-fluoro-4-[(7-methoxyquinolin-4-yl)oxy]phenyl}-1-[(2R)-2-hydroxypropyl]-5-methyl-3-oxo-2-phenyl-2,3-dihydro-1H-pyrazole-4-carboxamide
3 water water
#
_entity_poly.entity_id   1
_entity_poly.type   'polypeptide(L)'
_entity_poly.pdbx_seq_one_letter_code
;QNTVHIDLSALNPELVQAVQHVVIGPSSLIVHFNEVIGRGHFGCVYHGTLLDNDGKKIHCAVKSLNRITDIGEVSQFLTE
GIIMKDFSHPNVLSLLGICLRSEGSPLVVLPYMKHGDLRNFIRNETHNPTVKDLIGFGLQVAKGMKYLASKKFVHRDLAA
RNCMLDEKFTVKVADFGLARDMYDKEYYSVHNKTGAKLPVKWMALESLQTQKFTTKSDVWSFGVLLWELMTRGAPPYPDV
NTFDITVYLLQGRRLLQPEYCPDPLYEVMLKCWHPKAEMRPSFSELVSRISAIFSTFIGEHYVHHHHHH
;
_entity_poly.pdbx_strand_id   A
#
loop_
_chem_comp.id
_chem_comp.type
_chem_comp.name
_chem_comp.formula
044 non-polymer N-{3-fluoro-4-[(7-methoxyquinolin-4-yl)oxy]phenyl}-1-[(2R)-2-hydroxypropyl]-5-methyl-3-oxo-2-phenyl-2,3-dihydro-1H-pyrazole-4-carboxamide 'C30 H27 F N4 O5'
#
# COMPACT_ATOMS: atom_id res chain seq x y z
N VAL A 4 2.88 20.48 -19.31
CA VAL A 4 4.10 19.65 -19.10
C VAL A 4 4.65 19.17 -20.44
N HIS A 5 5.85 19.62 -20.77
CA HIS A 5 6.52 19.23 -22.01
C HIS A 5 7.90 18.68 -21.67
N ILE A 6 7.99 17.36 -21.50
CA ILE A 6 9.26 16.70 -21.17
C ILE A 6 10.00 16.30 -22.44
N ASP A 7 11.26 16.74 -22.52
CA ASP A 7 12.14 16.45 -23.64
C ASP A 7 12.66 15.01 -23.53
N LEU A 8 11.90 14.07 -24.09
CA LEU A 8 12.18 12.63 -23.94
C LEU A 8 13.44 12.16 -24.67
N SER A 9 13.91 12.95 -25.63
CA SER A 9 15.13 12.62 -26.38
C SER A 9 16.37 12.53 -25.49
N ALA A 10 16.34 13.24 -24.36
CA ALA A 10 17.46 13.27 -23.41
C ALA A 10 17.44 12.12 -22.39
N LEU A 11 17.22 10.89 -22.87
CA LEU A 11 17.20 9.71 -22.00
C LEU A 11 18.18 8.63 -22.44
N ASN A 12 18.61 7.78 -21.49
CA ASN A 12 19.61 6.75 -21.75
C ASN A 12 19.09 5.54 -22.51
N PRO A 13 19.75 5.19 -23.64
CA PRO A 13 19.39 4.07 -24.51
C PRO A 13 19.22 2.74 -23.79
N GLU A 14 20.11 2.43 -22.85
CA GLU A 14 20.03 1.17 -22.10
C GLU A 14 18.87 1.15 -21.10
N LEU A 15 18.56 2.32 -20.55
CA LEU A 15 17.46 2.47 -19.59
C LEU A 15 16.10 2.45 -20.28
N VAL A 16 16.00 3.15 -21.41
CA VAL A 16 14.81 3.09 -22.27
C VAL A 16 14.58 1.65 -22.75
N GLN A 17 15.66 0.98 -23.12
CA GLN A 17 15.63 -0.45 -23.47
C GLN A 17 15.18 -1.31 -22.29
N ALA A 18 15.62 -0.95 -21.09
CA ALA A 18 15.24 -1.66 -19.87
C ALA A 18 13.77 -1.49 -19.52
N VAL A 19 13.22 -0.31 -19.81
CA VAL A 19 11.86 0.02 -19.42
C VAL A 19 10.79 -0.36 -20.47
N GLN A 20 11.25 -0.78 -21.65
CA GLN A 20 10.34 -1.10 -22.77
C GLN A 20 9.24 -2.10 -22.45
N HIS A 21 9.57 -3.12 -21.66
CA HIS A 21 8.61 -4.16 -21.28
C HIS A 21 7.53 -3.65 -20.30
N VAL A 22 7.74 -2.43 -19.78
CA VAL A 22 6.81 -1.80 -18.85
C VAL A 22 5.93 -0.75 -19.56
N VAL A 23 6.44 -0.23 -20.67
CA VAL A 23 5.78 0.85 -21.40
C VAL A 23 4.53 0.38 -22.16
N ILE A 24 3.43 1.11 -21.97
CA ILE A 24 2.23 0.95 -22.80
C ILE A 24 1.81 2.33 -23.32
N GLY A 25 1.00 2.34 -24.37
CA GLY A 25 0.61 3.60 -25.01
C GLY A 25 -0.74 3.55 -25.69
N PRO A 26 -1.00 4.54 -26.59
CA PRO A 26 -2.29 4.77 -27.24
C PRO A 26 -2.82 3.62 -28.10
N SER A 27 -1.95 2.70 -28.53
CA SER A 27 -2.37 1.52 -29.31
C SER A 27 -3.12 0.49 -28.47
N SER A 28 -3.07 0.64 -27.14
CA SER A 28 -3.82 -0.26 -26.26
C SER A 28 -4.53 0.43 -25.08
N LEU A 29 -4.07 1.63 -24.70
CA LEU A 29 -4.64 2.34 -23.56
C LEU A 29 -5.48 3.55 -23.94
N ILE A 30 -6.71 3.58 -23.43
CA ILE A 30 -7.59 4.74 -23.56
C ILE A 30 -7.72 5.40 -22.20
N VAL A 31 -7.26 6.64 -22.09
CA VAL A 31 -7.40 7.40 -20.85
C VAL A 31 -8.60 8.33 -20.95
N HIS A 32 -9.45 8.27 -19.93
CA HIS A 32 -10.61 9.15 -19.87
C HIS A 32 -10.28 10.34 -18.98
N PHE A 33 -9.63 11.33 -19.59
CA PHE A 33 -9.14 12.52 -18.89
C PHE A 33 -10.26 13.39 -18.31
N ASN A 34 -11.49 13.14 -18.74
CA ASN A 34 -12.67 13.82 -18.18
C ASN A 34 -13.33 13.07 -17.01
N GLU A 35 -12.75 11.93 -16.65
CA GLU A 35 -13.35 11.07 -15.64
C GLU A 35 -12.34 10.73 -14.55
N VAL A 36 -12.56 11.31 -13.36
CA VAL A 36 -11.60 11.27 -12.27
C VAL A 36 -11.91 10.15 -11.26
N ILE A 37 -10.87 9.55 -10.70
CA ILE A 37 -10.99 8.52 -9.66
C ILE A 37 -10.50 9.06 -8.32
N GLY A 38 -11.31 8.86 -7.29
CA GLY A 38 -10.88 9.06 -5.90
C GLY A 38 -10.94 10.49 -5.40
N ARG A 39 -10.47 10.70 -4.17
CA ARG A 39 -10.46 12.00 -3.51
C ARG A 39 -9.26 12.83 -3.96
N GLY A 40 -8.05 12.31 -3.67
CA GLY A 40 -6.80 13.02 -3.96
C GLY A 40 -5.67 12.57 -3.06
N HIS A 41 -5.90 11.47 -2.33
CA HIS A 41 -4.87 10.84 -1.50
C HIS A 41 -4.06 9.83 -2.28
N PHE A 42 -4.42 9.65 -3.55
CA PHE A 42 -3.60 8.91 -4.51
C PHE A 42 -3.20 9.83 -5.67
N GLY A 43 -3.48 11.11 -5.51
CA GLY A 43 -3.12 12.13 -6.50
C GLY A 43 -4.15 12.27 -7.60
N CYS A 44 -3.67 12.66 -8.79
CA CYS A 44 -4.52 12.85 -9.95
C CYS A 44 -4.68 11.51 -10.68
N VAL A 45 -5.86 10.91 -10.54
CA VAL A 45 -6.14 9.58 -11.10
C VAL A 45 -7.36 9.60 -12.03
N TYR A 46 -7.20 9.01 -13.20
CA TYR A 46 -8.25 8.98 -14.21
C TYR A 46 -8.75 7.55 -14.44
N HIS A 47 -9.98 7.44 -14.93
CA HIS A 47 -10.49 6.17 -15.42
C HIS A 47 -9.80 5.85 -16.73
N GLY A 48 -9.43 4.58 -16.89
CA GLY A 48 -8.77 4.14 -18.11
C GLY A 48 -9.33 2.82 -18.61
N THR A 49 -9.11 2.54 -19.88
CA THR A 49 -9.49 1.27 -20.48
C THR A 49 -8.31 0.69 -21.24
N LEU A 50 -7.94 -0.55 -20.91
CA LEU A 50 -6.81 -1.21 -21.57
C LEU A 50 -7.30 -2.36 -22.46
N LEU A 51 -6.94 -2.31 -23.74
CA LEU A 51 -7.34 -3.32 -24.71
C LEU A 51 -6.19 -4.27 -25.05
N ASP A 52 -6.51 -5.56 -25.21
CA ASP A 52 -5.52 -6.51 -25.68
C ASP A 52 -5.57 -6.62 -27.20
N ASN A 53 -4.92 -7.64 -27.77
CA ASN A 53 -4.79 -7.75 -29.22
C ASN A 53 -6.12 -7.98 -29.94
N ASP A 54 -7.05 -8.66 -29.26
CA ASP A 54 -8.35 -8.96 -29.84
C ASP A 54 -9.44 -7.96 -29.41
N GLY A 55 -9.01 -6.90 -28.74
CA GLY A 55 -9.91 -5.80 -28.36
C GLY A 55 -10.70 -6.02 -27.09
N LYS A 56 -10.25 -6.93 -26.23
CA LYS A 56 -10.87 -7.12 -24.92
C LYS A 56 -10.47 -5.99 -23.96
N LYS A 57 -11.45 -5.44 -23.27
CA LYS A 57 -11.24 -4.27 -22.42
C LYS A 57 -11.02 -4.60 -20.94
N ILE A 58 -10.13 -3.83 -20.31
CA ILE A 58 -9.86 -3.96 -18.89
C ILE A 58 -9.94 -2.59 -18.21
N HIS A 59 -10.68 -2.52 -17.11
CA HIS A 59 -10.84 -1.29 -16.34
C HIS A 59 -9.57 -1.01 -15.56
N CYS A 60 -9.02 0.19 -15.71
CA CYS A 60 -7.86 0.57 -14.94
C CYS A 60 -7.91 1.98 -14.35
N ALA A 61 -6.99 2.26 -13.45
CA ALA A 61 -6.80 3.58 -12.90
C ALA A 61 -5.53 4.15 -13.47
N VAL A 62 -5.58 5.41 -13.88
CA VAL A 62 -4.47 6.06 -14.56
C VAL A 62 -4.03 7.29 -13.75
N LYS A 63 -2.92 7.13 -13.03
CA LYS A 63 -2.37 8.21 -12.21
C LYS A 63 -1.40 9.08 -13.02
N SER A 64 -1.66 10.38 -13.04
CA SER A 64 -0.81 11.36 -13.71
C SER A 64 0.17 11.97 -12.72
N LEU A 65 1.45 11.78 -12.99
CA LEU A 65 2.52 12.28 -12.12
C LEU A 65 2.93 13.70 -12.51
N ASN A 66 2.10 14.65 -12.12
CA ASN A 66 2.19 16.04 -12.55
C ASN A 66 3.37 16.84 -11.99
N ARG A 67 3.97 16.33 -10.91
CA ARG A 67 5.09 17.02 -10.27
C ARG A 67 6.45 16.65 -10.88
N ILE A 68 6.45 15.68 -11.79
CA ILE A 68 7.67 15.28 -12.48
C ILE A 68 7.99 16.26 -13.61
N THR A 69 9.20 16.81 -13.59
CA THR A 69 9.62 17.77 -14.60
C THR A 69 10.93 17.38 -15.29
N ASP A 70 12.01 17.29 -14.52
CA ASP A 70 13.35 17.07 -15.08
C ASP A 70 13.66 15.62 -15.42
N ILE A 71 14.75 15.44 -16.17
CA ILE A 71 15.15 14.14 -16.70
C ILE A 71 15.60 13.13 -15.61
N GLY A 72 16.13 13.65 -14.51
CA GLY A 72 16.48 12.83 -13.36
C GLY A 72 15.27 12.19 -12.69
N GLU A 73 14.19 12.97 -12.58
CA GLU A 73 12.93 12.52 -12.02
C GLU A 73 12.22 11.49 -12.90
N VAL A 74 12.36 11.65 -14.21
CA VAL A 74 11.81 10.70 -15.18
C VAL A 74 12.56 9.37 -15.10
N SER A 75 13.89 9.46 -15.02
CA SER A 75 14.75 8.28 -14.90
C SER A 75 14.45 7.47 -13.65
N GLN A 76 14.24 8.18 -12.54
CA GLN A 76 13.79 7.57 -11.28
C GLN A 76 12.41 6.91 -11.42
N PHE A 77 11.52 7.58 -12.17
CA PHE A 77 10.18 7.08 -12.48
C PHE A 77 10.22 5.78 -13.27
N LEU A 78 11.12 5.69 -14.25
CA LEU A 78 11.29 4.49 -15.07
C LEU A 78 11.76 3.29 -14.25
N THR A 79 12.68 3.54 -13.31
CA THR A 79 13.26 2.50 -12.46
C THR A 79 12.23 1.94 -11.49
N GLU A 80 11.42 2.83 -10.92
CA GLU A 80 10.31 2.43 -10.06
C GLU A 80 9.33 1.55 -10.83
N GLY A 81 9.03 1.94 -12.07
CA GLY A 81 8.19 1.15 -12.97
C GLY A 81 8.77 -0.22 -13.23
N ILE A 82 10.07 -0.27 -13.49
CA ILE A 82 10.78 -1.54 -13.69
C ILE A 82 10.69 -2.46 -12.47
N ILE A 83 10.92 -1.90 -11.28
CA ILE A 83 10.83 -2.67 -10.01
C ILE A 83 9.42 -3.24 -9.78
N MET A 84 8.41 -2.38 -9.89
CA MET A 84 7.03 -2.78 -9.60
C MET A 84 6.51 -3.82 -10.58
N LYS A 85 6.86 -3.65 -11.85
CA LYS A 85 6.45 -4.59 -12.90
C LYS A 85 6.92 -6.03 -12.63
N ASP A 86 8.08 -6.16 -11.99
CA ASP A 86 8.65 -7.47 -11.66
C ASP A 86 7.94 -8.18 -10.52
N PHE A 87 7.34 -7.40 -9.62
CA PHE A 87 6.61 -7.99 -8.50
C PHE A 87 5.39 -8.75 -8.98
N SER A 88 5.14 -9.91 -8.37
CA SER A 88 3.94 -10.69 -8.67
C SER A 88 3.45 -11.44 -7.43
N HIS A 89 2.43 -10.89 -6.78
CA HIS A 89 1.82 -11.51 -5.60
C HIS A 89 0.37 -11.04 -5.48
N PRO A 90 -0.57 -11.97 -5.20
CA PRO A 90 -2.00 -11.62 -5.10
C PRO A 90 -2.32 -10.53 -4.08
N ASN A 91 -1.43 -10.31 -3.13
CA ASN A 91 -1.66 -9.30 -2.10
C ASN A 91 -0.80 -8.04 -2.27
N VAL A 92 -0.25 -7.88 -3.48
CA VAL A 92 0.54 -6.71 -3.86
C VAL A 92 -0.08 -6.11 -5.12
N LEU A 93 -0.34 -4.80 -5.12
CA LEU A 93 -0.94 -4.14 -6.30
C LEU A 93 -0.04 -4.28 -7.53
N SER A 94 -0.66 -4.70 -8.64
CA SER A 94 0.02 -4.90 -9.92
C SER A 94 0.28 -3.59 -10.66
N LEU A 95 1.34 -3.57 -11.45
CA LEU A 95 1.57 -2.49 -12.40
C LEU A 95 1.24 -2.99 -13.79
N LEU A 96 0.19 -2.45 -14.38
CA LEU A 96 -0.17 -2.80 -15.74
C LEU A 96 0.77 -2.16 -16.76
N GLY A 97 1.29 -0.98 -16.41
CA GLY A 97 2.27 -0.31 -17.24
C GLY A 97 2.43 1.16 -16.93
N ILE A 98 3.34 1.81 -17.65
CA ILE A 98 3.55 3.24 -17.55
C ILE A 98 3.50 3.90 -18.93
N CYS A 99 3.25 5.21 -18.95
CA CYS A 99 3.27 5.98 -20.18
C CYS A 99 4.30 7.11 -20.15
N LEU A 100 5.27 7.02 -21.05
CA LEU A 100 6.23 8.07 -21.32
C LEU A 100 5.77 8.85 -22.54
N ARG A 101 5.25 10.06 -22.34
CA ARG A 101 4.76 10.82 -23.49
C ARG A 101 5.49 12.15 -23.67
N SER A 102 5.56 12.61 -24.92
CA SER A 102 6.27 13.82 -25.29
C SER A 102 5.52 15.07 -24.83
N GLU A 103 4.21 14.92 -24.69
CA GLU A 103 3.34 15.97 -24.14
C GLU A 103 2.53 15.42 -23.00
N GLY A 104 2.54 16.12 -21.87
CA GLY A 104 1.84 15.68 -20.67
C GLY A 104 2.71 14.88 -19.73
N SER A 105 2.32 14.83 -18.46
CA SER A 105 3.04 14.11 -17.42
C SER A 105 3.14 12.60 -17.65
N PRO A 106 4.18 11.96 -17.09
CA PRO A 106 4.23 10.50 -17.07
C PRO A 106 3.00 9.91 -16.39
N LEU A 107 2.58 8.73 -16.83
CA LEU A 107 1.37 8.08 -16.31
C LEU A 107 1.66 6.70 -15.75
N VAL A 108 0.90 6.32 -14.72
CA VAL A 108 1.00 5.00 -14.10
C VAL A 108 -0.35 4.30 -14.23
N VAL A 109 -0.34 3.08 -14.74
CA VAL A 109 -1.56 2.32 -15.02
C VAL A 109 -1.69 1.09 -14.11
N LEU A 110 -2.74 1.10 -13.28
CA LEU A 110 -2.97 0.07 -12.27
C LEU A 110 -4.34 -0.56 -12.50
N PRO A 111 -4.52 -1.82 -12.06
CA PRO A 111 -5.85 -2.42 -12.18
C PRO A 111 -6.82 -1.66 -11.30
N TYR A 112 -8.05 -1.48 -11.77
CA TYR A 112 -9.08 -0.77 -11.02
C TYR A 112 -9.45 -1.58 -9.78
N MET A 113 -9.54 -0.89 -8.65
CA MET A 113 -9.83 -1.52 -7.37
C MET A 113 -11.23 -1.10 -6.93
N LYS A 114 -12.20 -1.98 -7.16
CA LYS A 114 -13.63 -1.68 -6.96
C LYS A 114 -13.95 -0.98 -5.63
N HIS A 115 -13.38 -1.50 -4.55
CA HIS A 115 -13.74 -1.04 -3.21
C HIS A 115 -12.75 -0.05 -2.61
N GLY A 116 -11.94 0.56 -3.47
CA GLY A 116 -11.01 1.62 -3.06
C GLY A 116 -10.01 1.17 -2.01
N ASP A 117 -9.72 2.07 -1.07
CA ASP A 117 -8.75 1.75 -0.01
C ASP A 117 -9.43 1.16 1.22
N LEU A 118 -8.65 0.34 1.94
CA LEU A 118 -9.14 -0.41 3.08
C LEU A 118 -9.64 0.45 4.23
N ARG A 119 -8.96 1.58 4.50
CA ARG A 119 -9.41 2.47 5.59
C ARG A 119 -10.82 2.98 5.34
N ASN A 120 -11.07 3.49 4.14
CA ASN A 120 -12.40 4.00 3.81
C ASN A 120 -13.46 2.90 3.76
N PHE A 121 -13.06 1.71 3.32
CA PHE A 121 -13.97 0.55 3.29
C PHE A 121 -14.47 0.18 4.69
N ILE A 122 -13.56 0.08 5.65
CA ILE A 122 -13.93 -0.31 7.02
C ILE A 122 -14.61 0.83 7.80
N ARG A 123 -14.29 2.07 7.45
CA ARG A 123 -14.95 3.23 8.05
C ARG A 123 -16.40 3.38 7.56
N ASN A 124 -16.67 2.92 6.35
CA ASN A 124 -18.02 3.00 5.78
C ASN A 124 -19.01 2.17 6.59
N GLU A 125 -19.97 2.85 7.20
CA GLU A 125 -20.92 2.23 8.11
C GLU A 125 -21.92 1.30 7.40
N THR A 126 -22.03 1.43 6.08
CA THR A 126 -22.88 0.55 5.28
C THR A 126 -22.23 -0.82 5.07
N HIS A 127 -20.94 -0.93 5.39
CA HIS A 127 -20.27 -2.23 5.39
C HIS A 127 -20.32 -2.84 6.79
N ASN A 128 -20.35 -4.17 6.85
CA ASN A 128 -20.50 -4.88 8.12
C ASN A 128 -19.45 -5.98 8.34
N PRO A 129 -18.15 -5.63 8.33
CA PRO A 129 -17.15 -6.68 8.50
C PRO A 129 -17.18 -7.26 9.92
N THR A 130 -17.03 -8.58 10.01
CA THR A 130 -16.92 -9.26 11.30
C THR A 130 -15.50 -9.11 11.83
N VAL A 131 -15.26 -9.57 13.05
CA VAL A 131 -13.91 -9.64 13.61
C VAL A 131 -13.03 -10.54 12.74
N LYS A 132 -13.58 -11.68 12.31
CA LYS A 132 -12.87 -12.58 11.39
C LYS A 132 -12.53 -11.86 10.09
N ASP A 133 -13.47 -11.08 9.54
CA ASP A 133 -13.24 -10.28 8.33
C ASP A 133 -12.04 -9.35 8.49
N LEU A 134 -12.03 -8.58 9.57
CA LEU A 134 -10.96 -7.62 9.87
C LEU A 134 -9.59 -8.29 10.04
N ILE A 135 -9.57 -9.39 10.79
CA ILE A 135 -8.34 -10.19 10.95
C ILE A 135 -7.88 -10.75 9.59
N GLY A 136 -8.84 -11.25 8.80
CA GLY A 136 -8.57 -11.70 7.43
C GLY A 136 -7.90 -10.66 6.56
N PHE A 137 -8.41 -9.43 6.59
CA PHE A 137 -7.76 -8.32 5.88
C PHE A 137 -6.33 -8.11 6.36
N GLY A 138 -6.13 -8.22 7.67
CA GLY A 138 -4.80 -8.09 8.27
C GLY A 138 -3.85 -9.19 7.86
N LEU A 139 -4.38 -10.40 7.70
CA LEU A 139 -3.59 -11.53 7.23
C LEU A 139 -3.12 -11.35 5.78
N GLN A 140 -4.03 -10.88 4.93
CA GLN A 140 -3.71 -10.60 3.52
C GLN A 140 -2.60 -9.56 3.36
N VAL A 141 -2.68 -8.49 4.15
CA VAL A 141 -1.63 -7.47 4.18
C VAL A 141 -0.28 -8.12 4.56
N ALA A 142 -0.29 -8.92 5.62
CA ALA A 142 0.93 -9.58 6.11
C ALA A 142 1.56 -10.48 5.06
N LYS A 143 0.73 -11.17 4.27
CA LYS A 143 1.19 -12.01 3.16
C LYS A 143 1.80 -11.18 2.03
N GLY A 144 1.24 -10.00 1.79
CA GLY A 144 1.76 -9.07 0.79
C GLY A 144 3.09 -8.48 1.25
N MET A 145 3.17 -8.17 2.53
CA MET A 145 4.40 -7.65 3.13
C MET A 145 5.48 -8.71 3.24
N LYS A 146 5.07 -9.97 3.44
CA LYS A 146 5.99 -11.10 3.44
C LYS A 146 6.67 -11.26 2.08
N TYR A 147 5.92 -11.04 1.01
CA TYR A 147 6.47 -11.06 -0.34
C TYR A 147 7.44 -9.89 -0.55
N LEU A 148 7.01 -8.68 -0.22
CA LEU A 148 7.85 -7.49 -0.39
C LEU A 148 9.17 -7.60 0.39
N ALA A 149 9.10 -8.13 1.60
CA ALA A 149 10.28 -8.38 2.42
C ALA A 149 11.23 -9.39 1.77
N SER A 150 10.65 -10.43 1.17
CA SER A 150 11.44 -11.45 0.47
C SER A 150 12.19 -10.89 -0.76
N LYS A 151 11.70 -9.77 -1.28
CA LYS A 151 12.35 -9.08 -2.40
C LYS A 151 13.29 -7.98 -1.89
N LYS A 152 13.47 -7.93 -0.58
CA LYS A 152 14.29 -6.91 0.09
C LYS A 152 13.78 -5.49 -0.18
N PHE A 153 12.46 -5.37 -0.34
CA PHE A 153 11.84 -4.09 -0.63
C PHE A 153 11.14 -3.52 0.60
N VAL A 154 11.54 -2.32 1.00
CA VAL A 154 10.98 -1.64 2.18
C VAL A 154 9.82 -0.73 1.74
N HIS A 155 8.65 -0.92 2.37
CA HIS A 155 7.44 -0.18 2.01
C HIS A 155 7.55 1.31 2.35
N ARG A 156 7.88 1.60 3.61
CA ARG A 156 8.07 2.97 4.13
C ARG A 156 6.79 3.72 4.49
N ASP A 157 5.66 3.32 3.91
CA ASP A 157 4.41 4.05 4.14
C ASP A 157 3.21 3.10 4.33
N LEU A 158 3.43 1.99 5.04
CA LEU A 158 2.35 1.03 5.26
C LEU A 158 1.30 1.57 6.24
N ALA A 159 0.04 1.51 5.79
CA ALA A 159 -1.11 2.00 6.54
C ALA A 159 -2.36 1.50 5.81
N ALA A 160 -3.50 1.50 6.51
CA ALA A 160 -4.77 1.04 5.91
C ALA A 160 -5.18 1.84 4.67
N ARG A 161 -4.96 3.16 4.72
CA ARG A 161 -5.26 4.05 3.59
C ARG A 161 -4.50 3.67 2.31
N ASN A 162 -3.40 2.93 2.47
CA ASN A 162 -2.55 2.55 1.35
C ASN A 162 -2.78 1.12 0.86
N CYS A 163 -3.70 0.41 1.50
CA CYS A 163 -4.05 -0.93 1.06
C CYS A 163 -5.34 -0.85 0.25
N MET A 164 -5.34 -1.50 -0.91
CA MET A 164 -6.48 -1.48 -1.81
C MET A 164 -7.32 -2.74 -1.64
N LEU A 165 -8.57 -2.69 -2.11
CA LEU A 165 -9.49 -3.82 -2.04
C LEU A 165 -10.21 -3.98 -3.39
N ASP A 166 -10.04 -5.14 -4.03
CA ASP A 166 -10.69 -5.38 -5.33
C ASP A 166 -12.12 -5.94 -5.18
N GLU A 167 -12.72 -6.33 -6.30
CA GLU A 167 -14.12 -6.79 -6.30
C GLU A 167 -14.31 -8.15 -5.59
N LYS A 168 -13.22 -8.91 -5.50
CA LYS A 168 -13.22 -10.20 -4.82
C LYS A 168 -12.77 -10.05 -3.36
N PHE A 169 -12.67 -8.80 -2.90
CA PHE A 169 -12.21 -8.46 -1.54
C PHE A 169 -10.80 -8.99 -1.24
N THR A 170 -9.95 -8.94 -2.26
CA THR A 170 -8.53 -9.23 -2.10
C THR A 170 -7.84 -7.93 -1.79
N VAL A 171 -7.06 -7.92 -0.71
CA VAL A 171 -6.27 -6.76 -0.30
C VAL A 171 -4.99 -6.70 -1.12
N LYS A 172 -4.74 -5.53 -1.69
CA LYS A 172 -3.52 -5.28 -2.45
C LYS A 172 -2.74 -4.19 -1.74
N VAL A 173 -1.55 -4.55 -1.25
CA VAL A 173 -0.64 -3.59 -0.63
C VAL A 173 -0.17 -2.63 -1.73
N ALA A 174 -0.31 -1.33 -1.48
CA ALA A 174 0.02 -0.32 -2.48
C ALA A 174 0.82 0.83 -1.86
N ASP A 175 1.26 1.74 -2.73
CA ASP A 175 2.05 2.93 -2.36
C ASP A 175 3.38 2.65 -1.69
N PHE A 176 3.93 1.46 -1.93
CA PHE A 176 5.24 1.08 -1.38
C PHE A 176 6.39 1.80 -2.10
N GLY A 177 7.39 2.20 -1.32
CA GLY A 177 8.54 2.93 -1.85
C GLY A 177 8.23 4.40 -2.11
N LEU A 198 3.89 13.93 6.81
CA LEU A 198 4.63 12.80 7.34
C LEU A 198 3.76 11.99 8.32
N PRO A 199 3.69 10.66 8.13
CA PRO A 199 2.84 9.80 8.95
C PRO A 199 3.55 9.28 10.19
N VAL A 200 3.85 10.19 11.12
CA VAL A 200 4.65 9.88 12.31
C VAL A 200 3.98 8.84 13.23
N LYS A 201 2.65 8.79 13.21
CA LYS A 201 1.89 7.88 14.07
C LYS A 201 1.90 6.43 13.57
N TRP A 202 2.49 6.20 12.41
CA TRP A 202 2.73 4.85 11.89
C TRP A 202 4.21 4.47 11.94
N MET A 203 5.06 5.45 12.22
CA MET A 203 6.51 5.27 12.16
C MET A 203 7.09 4.60 13.40
N ALA A 204 7.96 3.63 13.19
CA ALA A 204 8.71 2.99 14.26
C ALA A 204 9.52 4.01 15.04
N LEU A 205 9.85 3.69 16.29
CA LEU A 205 10.59 4.57 17.18
C LEU A 205 11.91 5.03 16.56
N GLU A 206 12.67 4.08 16.00
CA GLU A 206 13.98 4.36 15.42
C GLU A 206 13.89 5.18 14.12
N SER A 207 12.78 5.05 13.40
CA SER A 207 12.54 5.84 12.19
C SER A 207 12.25 7.29 12.54
N LEU A 208 11.56 7.51 13.67
CA LEU A 208 11.29 8.85 14.18
C LEU A 208 12.56 9.54 14.67
N GLN A 209 13.51 8.75 15.17
CA GLN A 209 14.75 9.27 15.76
C GLN A 209 15.89 9.38 14.75
N THR A 210 16.16 8.28 14.04
CA THR A 210 17.33 8.18 13.15
C THR A 210 16.94 8.30 11.66
N GLN A 211 15.66 8.51 11.40
CA GLN A 211 15.12 8.69 10.05
C GLN A 211 15.32 7.49 9.12
N LYS A 212 15.80 6.37 9.69
CA LYS A 212 16.05 5.14 8.94
C LYS A 212 14.80 4.26 8.81
N PHE A 213 14.64 3.66 7.63
CA PHE A 213 13.52 2.78 7.36
C PHE A 213 14.00 1.41 6.90
N THR A 214 13.46 0.35 7.49
CA THR A 214 13.80 -1.03 7.16
C THR A 214 12.53 -1.89 7.12
N THR A 215 12.67 -3.18 6.80
CA THR A 215 11.57 -4.13 6.91
C THR A 215 11.05 -4.23 8.35
N LYS A 216 11.96 -4.12 9.32
CA LYS A 216 11.59 -4.12 10.75
C LYS A 216 10.71 -2.93 11.13
N SER A 217 10.97 -1.77 10.54
CA SER A 217 10.11 -0.60 10.75
C SER A 217 8.77 -0.76 10.03
N ASP A 218 8.76 -1.50 8.93
CA ASP A 218 7.52 -1.88 8.25
C ASP A 218 6.65 -2.74 9.16
N VAL A 219 7.28 -3.56 10.00
CA VAL A 219 6.58 -4.42 10.97
C VAL A 219 5.86 -3.60 12.04
N TRP A 220 6.48 -2.51 12.48
CA TRP A 220 5.83 -1.58 13.42
C TRP A 220 4.59 -0.92 12.82
N SER A 221 4.74 -0.41 11.59
CA SER A 221 3.63 0.19 10.85
C SER A 221 2.49 -0.81 10.64
N PHE A 222 2.84 -2.05 10.33
CA PHE A 222 1.86 -3.14 10.23
C PHE A 222 1.05 -3.36 11.52
N GLY A 223 1.74 -3.27 12.66
CA GLY A 223 1.07 -3.32 13.96
C GLY A 223 0.04 -2.21 14.12
N VAL A 224 0.39 -1.02 13.67
CA VAL A 224 -0.54 0.11 13.70
C VAL A 224 -1.72 -0.13 12.75
N LEU A 225 -1.42 -0.71 11.59
CA LEU A 225 -2.44 -1.08 10.59
C LEU A 225 -3.45 -2.08 11.17
N LEU A 226 -2.96 -3.08 11.91
CA LEU A 226 -3.84 -4.04 12.59
C LEU A 226 -4.75 -3.33 13.58
N TRP A 227 -4.21 -2.34 14.29
CA TRP A 227 -4.99 -1.54 15.24
C TRP A 227 -6.10 -0.76 14.53
N GLU A 228 -5.78 -0.16 13.37
CA GLU A 228 -6.77 0.51 12.52
C GLU A 228 -7.90 -0.43 12.14
N LEU A 229 -7.55 -1.66 11.74
CA LEU A 229 -8.53 -2.65 11.30
C LEU A 229 -9.50 -3.01 12.42
N MET A 230 -8.96 -3.27 13.61
CA MET A 230 -9.80 -3.70 14.74
C MET A 230 -10.67 -2.58 15.31
N THR A 231 -10.27 -1.34 15.06
CA THR A 231 -11.07 -0.17 15.41
C THR A 231 -11.90 0.34 14.21
N ARG A 232 -11.91 -0.45 13.13
CA ARG A 232 -12.52 -0.03 11.85
C ARG A 232 -12.14 1.40 11.43
N GLY A 233 -10.84 1.68 11.45
CA GLY A 233 -10.30 2.92 10.90
C GLY A 233 -10.31 4.13 11.81
N ALA A 234 -10.21 3.92 13.12
CA ALA A 234 -10.08 5.03 14.06
C ALA A 234 -8.69 5.63 13.94
N PRO A 235 -8.57 6.97 14.09
CA PRO A 235 -7.23 7.57 14.06
C PRO A 235 -6.41 7.20 15.30
N PRO A 236 -5.18 6.72 15.12
CA PRO A 236 -4.35 6.28 16.25
C PRO A 236 -3.91 7.43 17.14
N TYR A 237 -3.66 7.13 18.42
CA TYR A 237 -3.21 8.11 19.42
C TYR A 237 -4.00 9.43 19.36
N PRO A 238 -5.33 9.38 19.60
CA PRO A 238 -6.16 10.59 19.48
C PRO A 238 -5.74 11.73 20.41
N ASP A 239 -5.31 11.41 21.62
CA ASP A 239 -5.01 12.44 22.63
C ASP A 239 -3.53 12.82 22.69
N VAL A 240 -2.76 12.32 21.73
CA VAL A 240 -1.33 12.59 21.65
C VAL A 240 -1.01 13.42 20.41
N ASN A 241 -0.40 14.58 20.62
CA ASN A 241 0.10 15.42 19.53
C ASN A 241 1.16 14.69 18.71
N THR A 242 1.25 15.01 17.43
CA THR A 242 2.21 14.36 16.53
C THR A 242 3.66 14.57 16.98
N PHE A 243 3.95 15.73 17.55
CA PHE A 243 5.30 16.04 18.02
C PHE A 243 5.62 15.39 19.38
N ASP A 244 4.57 15.03 20.12
CA ASP A 244 4.71 14.39 21.43
C ASP A 244 4.74 12.86 21.36
N ILE A 245 4.82 12.31 20.16
CA ILE A 245 4.70 10.87 19.95
C ILE A 245 5.97 10.10 20.32
N THR A 246 7.13 10.73 20.10
CA THR A 246 8.42 10.11 20.42
C THR A 246 8.56 9.87 21.93
N VAL A 247 8.22 10.89 22.73
CA VAL A 247 8.26 10.79 24.21
C VAL A 247 7.22 9.80 24.73
N TYR A 248 6.06 9.77 24.08
CA TYR A 248 4.98 8.84 24.42
C TYR A 248 5.47 7.39 24.33
N LEU A 249 6.15 7.06 23.23
CA LEU A 249 6.67 5.71 22.99
C LEU A 249 7.89 5.36 23.85
N LEU A 250 8.74 6.36 24.11
CA LEU A 250 9.90 6.15 24.98
C LEU A 250 9.48 5.93 26.44
N GLN A 251 8.34 6.49 26.82
CA GLN A 251 7.72 6.23 28.11
C GLN A 251 7.15 4.82 28.22
N GLY A 252 7.19 4.08 27.10
CA GLY A 252 6.70 2.70 27.05
C GLY A 252 5.19 2.59 26.87
N ARG A 253 4.56 3.69 26.48
CA ARG A 253 3.12 3.71 26.24
C ARG A 253 2.81 3.29 24.80
N ARG A 254 1.72 2.56 24.63
CA ARG A 254 1.32 2.03 23.33
C ARG A 254 -0.16 2.27 23.06
N LEU A 255 -0.57 2.02 21.82
CA LEU A 255 -1.99 2.03 21.47
C LEU A 255 -2.75 1.05 22.35
N LEU A 256 -3.88 1.49 22.90
CA LEU A 256 -4.73 0.63 23.73
C LEU A 256 -5.36 -0.48 22.92
N GLN A 257 -5.67 -1.59 23.59
CA GLN A 257 -6.37 -2.71 22.97
C GLN A 257 -7.77 -2.28 22.54
N PRO A 258 -8.06 -2.37 21.22
CA PRO A 258 -9.39 -2.07 20.69
C PRO A 258 -10.46 -2.97 21.30
N GLU A 259 -11.67 -2.42 21.46
CA GLU A 259 -12.81 -3.13 22.02
C GLU A 259 -13.05 -4.51 21.37
N TYR A 260 -12.87 -4.57 20.05
CA TYR A 260 -13.13 -5.80 19.29
C TYR A 260 -11.89 -6.68 19.05
N CYS A 261 -10.73 -6.24 19.53
CA CYS A 261 -9.48 -6.98 19.36
C CYS A 261 -9.29 -8.06 20.44
N PRO A 262 -9.10 -9.33 20.03
CA PRO A 262 -8.80 -10.38 21.00
C PRO A 262 -7.41 -10.23 21.61
N ASP A 263 -7.23 -10.79 22.81
CA ASP A 263 -5.95 -10.74 23.53
C ASP A 263 -4.74 -11.22 22.72
N PRO A 264 -4.85 -12.39 22.04
CA PRO A 264 -3.67 -12.85 21.29
C PRO A 264 -3.27 -11.93 20.12
N LEU A 265 -4.25 -11.31 19.46
CA LEU A 265 -3.94 -10.36 18.39
C LEU A 265 -3.34 -9.07 18.95
N TYR A 266 -3.79 -8.65 20.14
CA TYR A 266 -3.21 -7.48 20.77
C TYR A 266 -1.75 -7.69 21.17
N GLU A 267 -1.42 -8.90 21.61
CA GLU A 267 -0.02 -9.27 21.92
C GLU A 267 0.85 -9.24 20.67
N VAL A 268 0.29 -9.69 19.54
CA VAL A 268 0.94 -9.56 18.23
C VAL A 268 1.28 -8.10 17.93
N MET A 269 0.31 -7.21 18.12
CA MET A 269 0.51 -5.76 17.98
C MET A 269 1.66 -5.26 18.86
N LEU A 270 1.67 -5.69 20.12
CA LEU A 270 2.70 -5.28 21.08
C LEU A 270 4.10 -5.72 20.66
N LYS A 271 4.20 -6.94 20.13
CA LYS A 271 5.43 -7.48 19.53
C LYS A 271 5.90 -6.64 18.35
N CYS A 272 4.95 -6.17 17.55
CA CYS A 272 5.24 -5.33 16.40
C CYS A 272 5.83 -3.99 16.82
N TRP A 273 5.46 -3.52 18.01
CA TRP A 273 5.93 -2.23 18.52
C TRP A 273 7.07 -2.34 19.55
N HIS A 274 7.84 -3.41 19.46
CA HIS A 274 9.00 -3.61 20.33
C HIS A 274 10.00 -2.46 20.15
N PRO A 275 10.50 -1.90 21.28
CA PRO A 275 11.58 -0.89 21.28
C PRO A 275 12.78 -1.27 20.43
N LYS A 276 13.14 -2.55 20.44
CA LYS A 276 14.27 -3.06 19.66
C LYS A 276 13.76 -3.69 18.37
N ALA A 277 14.11 -3.07 17.24
CA ALA A 277 13.68 -3.54 15.92
C ALA A 277 13.95 -5.02 15.65
N GLU A 278 15.12 -5.49 16.08
CA GLU A 278 15.53 -6.88 15.86
C GLU A 278 14.67 -7.90 16.63
N MET A 279 13.97 -7.42 17.66
CA MET A 279 13.14 -8.28 18.50
C MET A 279 11.72 -8.44 17.96
N ARG A 280 11.36 -7.59 16.99
CA ARG A 280 10.04 -7.64 16.34
C ARG A 280 9.94 -8.91 15.48
N PRO A 281 8.73 -9.45 15.34
CA PRO A 281 8.60 -10.62 14.45
C PRO A 281 8.82 -10.26 12.98
N SER A 282 9.15 -11.27 12.18
CA SER A 282 9.22 -11.11 10.73
C SER A 282 7.81 -11.19 10.19
N PHE A 283 7.61 -10.72 8.96
CA PHE A 283 6.32 -10.90 8.30
C PHE A 283 5.97 -12.37 8.08
N SER A 284 6.99 -13.20 7.88
CA SER A 284 6.80 -14.64 7.81
C SER A 284 6.21 -15.19 9.12
N GLU A 285 6.76 -14.76 10.25
CA GLU A 285 6.24 -15.13 11.57
C GLU A 285 4.84 -14.56 11.80
N LEU A 286 4.61 -13.33 11.33
CA LEU A 286 3.31 -12.68 11.42
C LEU A 286 2.20 -13.43 10.66
N VAL A 287 2.52 -13.88 9.44
CA VAL A 287 1.56 -14.65 8.64
C VAL A 287 1.13 -15.94 9.34
N SER A 288 2.09 -16.69 9.88
CA SER A 288 1.77 -17.96 10.54
C SER A 288 0.98 -17.76 11.85
N ARG A 289 1.33 -16.72 12.60
CA ARG A 289 0.65 -16.41 13.85
C ARG A 289 -0.77 -15.87 13.63
N ILE A 290 -0.91 -14.94 12.68
CA ILE A 290 -2.21 -14.36 12.39
C ILE A 290 -3.13 -15.38 11.70
N SER A 291 -2.54 -16.25 10.90
CA SER A 291 -3.26 -17.35 10.27
C SER A 291 -3.88 -18.27 11.33
N ALA A 292 -3.14 -18.52 12.40
CA ALA A 292 -3.61 -19.38 13.50
C ALA A 292 -4.74 -18.71 14.28
N ILE A 293 -4.60 -17.41 14.54
CA ILE A 293 -5.66 -16.64 15.21
C ILE A 293 -6.91 -16.61 14.34
N PHE A 294 -6.73 -16.29 13.06
CA PHE A 294 -7.81 -16.25 12.06
C PHE A 294 -8.63 -17.54 12.01
N SER A 295 -7.96 -18.68 12.11
CA SER A 295 -8.60 -19.99 12.02
C SER A 295 -9.53 -20.29 13.21
N THR A 296 -9.26 -19.67 14.36
CA THR A 296 -10.09 -19.87 15.56
C THR A 296 -11.40 -19.07 15.52
N PHE A 297 -11.49 -18.11 14.60
CA PHE A 297 -12.68 -17.28 14.46
C PHE A 297 -13.68 -17.82 13.44
N ILE A 298 -14.96 -17.56 13.67
CA ILE A 298 -16.02 -17.94 12.73
C ILE A 298 -16.96 -16.77 12.44
N GLY A 299 -17.57 -16.78 11.25
CA GLY A 299 -18.46 -15.71 10.80
C GLY A 299 -17.71 -14.68 9.97
N GLU A 300 -18.09 -14.59 8.70
CA GLU A 300 -17.49 -13.66 7.74
C GLU A 300 -18.58 -13.14 6.80
N HIS A 301 -18.50 -11.85 6.48
CA HIS A 301 -19.37 -11.25 5.45
C HIS A 301 -18.60 -10.88 4.18
N TYR A 302 -17.28 -11.04 4.23
CA TYR A 302 -16.41 -10.73 3.09
C TYR A 302 -15.39 -11.84 2.90
N VAL A 303 -15.74 -12.80 2.04
CA VAL A 303 -14.90 -13.98 1.81
C VAL A 303 -14.01 -13.76 0.60
N HIS A 304 -12.71 -14.01 0.80
CA HIS A 304 -11.69 -13.84 -0.21
C HIS A 304 -11.27 -15.20 -0.77
CAA 044 B . -10.17 3.94 -6.12
CAB 044 B . -5.76 2.52 -7.98
CAC 044 B . -6.72 1.64 -8.45
NAD 044 B . -8.00 1.78 -8.12
CAE 044 B . -8.41 2.78 -7.30
CAF 044 B . -7.49 3.70 -6.79
CAG 044 B . -6.14 3.58 -7.13
CAH 044 B . -9.75 2.90 -6.96
CAI 044 B . -9.24 4.85 -5.62
CAJ 044 B . -7.91 4.73 -5.95
OAK 044 B . -5.25 4.49 -6.61
CAL 044 B . -3.91 4.22 -6.67
CAM 044 B . -3.28 3.32 -5.81
CAN 044 B . -3.16 4.91 -7.61
CAO 044 B . -1.80 4.69 -7.72
CAP 044 B . -1.15 3.79 -6.87
CAQ 044 B . -1.91 3.09 -5.92
NAR 044 B . 0.18 3.60 -7.06
CAS 044 B . 2.95 3.62 -7.97
CAT 044 B . 2.47 2.84 -6.92
CAU 044 B . 1.04 2.85 -6.35
OAV 044 B . 0.74 2.18 -5.36
NAW 044 B . 4.59 2.41 -7.37
CAX 044 B . 3.56 2.05 -6.57
NAY 044 B . 4.23 3.29 -8.17
OAZ 044 B . 2.30 4.47 -8.59
CBA 044 B . 4.99 3.81 -9.14
CBB 044 B . 5.09 3.06 -10.32
CBC 044 B . 5.66 5.03 -9.04
CBD 044 B . 6.42 5.48 -10.11
CBE 044 B . 5.86 3.50 -11.39
CBF 044 B . 6.53 4.73 -11.28
FBG 044 B . -3.79 5.77 -8.42
CBH 044 B . 3.61 1.00 -5.45
CBI 044 B . 5.94 1.78 -7.35
CBJ 044 B . 6.97 2.28 -6.33
CBK 044 B . 8.24 1.43 -6.42
OBL 044 B . 7.27 3.65 -6.57
OBM 044 B . -11.48 4.09 -5.76
CBN 044 B . -12.42 3.42 -6.62
#